data_7RJL
#
_entry.id   7RJL
#
_cell.length_a   51.550
_cell.length_b   61.572
_cell.length_c   83.634
_cell.angle_alpha   90.000
_cell.angle_beta   90.000
_cell.angle_gamma   90.000
#
_symmetry.space_group_name_H-M   'P 21 21 21'
#
loop_
_entity.id
_entity.type
_entity.pdbx_description
1 polymer 'Bromodomain-containing protein 3'
2 polymer 'Serine hydroxymethyltransferase, cytosolic'
3 non-polymer 1,2-ETHANEDIOL
4 non-polymer GLYCEROL
5 water water
#
loop_
_entity_poly.entity_id
_entity_poly.type
_entity_poly.pdbx_seq_one_letter_code
_entity_poly.pdbx_strand_id
1 'polypeptide(L)'
;SMPEVSNPSKPGRKTNQLQYMQNVVVKTLWKHQFAWPFYQPVDAIKLNLPDYHKIIKNPMDMGTIKKRLENNYYWSASEC
MQDFNTMFTNCYIYNKPTDDIVLMAQALEKIFLQKVAQMPQEE
;
A,B
2 'polypeptide(L)' R(ALY)GV(ALY)S C,D
#
# COMPACT_ATOMS: atom_id res chain seq x y z
N SER A 1 2.51 -4.38 -8.14
CA SER A 1 2.51 -5.73 -8.71
C SER A 1 1.93 -6.75 -7.72
N MET A 2 1.76 -7.98 -8.19
CA MET A 2 1.22 -9.02 -7.32
C MET A 2 2.09 -9.14 -6.06
N PRO A 3 1.50 -9.53 -4.92
CA PRO A 3 2.23 -9.39 -3.67
C PRO A 3 2.90 -10.67 -3.17
N GLU A 4 4.17 -10.54 -2.79
CA GLU A 4 4.88 -11.65 -2.15
C GLU A 4 4.38 -11.87 -0.73
N VAL A 5 4.54 -13.10 -0.24
CA VAL A 5 4.22 -13.41 1.16
C VAL A 5 5.44 -13.87 1.95
N SER A 6 6.62 -13.90 1.32
CA SER A 6 7.85 -14.22 2.01
CA SER A 6 7.87 -14.31 1.94
C SER A 6 8.98 -13.56 1.24
N ASN A 7 10.06 -13.27 1.97
CA ASN A 7 11.23 -12.60 1.40
C ASN A 7 12.39 -12.79 2.35
N PRO A 8 13.40 -13.58 2.00
CA PRO A 8 14.49 -13.84 2.95
C PRO A 8 15.32 -12.61 3.33
N SER A 9 15.34 -11.54 2.55
CA SER A 9 16.11 -10.36 2.90
CA SER A 9 16.10 -10.35 2.91
C SER A 9 15.32 -9.41 3.80
N LYS A 10 14.01 -9.59 3.92
CA LYS A 10 13.16 -8.65 4.65
C LYS A 10 13.04 -9.07 6.10
N PRO A 11 13.45 -8.22 7.05
CA PRO A 11 13.24 -8.57 8.46
C PRO A 11 11.77 -8.83 8.76
N GLY A 12 11.54 -9.88 9.55
CA GLY A 12 10.18 -10.26 9.92
C GLY A 12 10.14 -10.76 11.35
N ARG A 13 8.95 -10.62 11.98
CA ARG A 13 8.77 -11.01 13.38
C ARG A 13 7.28 -11.06 13.71
N LYS A 14 6.98 -11.38 14.96
CA LYS A 14 5.61 -11.36 15.48
C LYS A 14 5.62 -10.61 16.80
N THR A 15 5.23 -9.34 16.76
CA THR A 15 5.06 -8.54 17.96
C THR A 15 3.69 -8.80 18.58
N ASN A 16 3.43 -8.22 19.76
CA ASN A 16 2.11 -8.33 20.41
C ASN A 16 1.08 -7.64 19.50
N GLN A 17 1.45 -6.56 18.82
CA GLN A 17 0.52 -5.90 17.93
C GLN A 17 0.23 -6.74 16.69
N LEU A 18 1.24 -7.40 16.13
CA LEU A 18 0.99 -8.27 14.99
C LEU A 18 0.15 -9.49 15.40
N GLN A 19 0.34 -10.01 16.61
CA GLN A 19 -0.52 -11.08 17.09
C GLN A 19 -1.97 -10.60 17.19
N TYR A 20 -2.16 -9.36 17.63
CA TYR A 20 -3.51 -8.80 17.71
C TYR A 20 -4.11 -8.65 16.32
N MET A 21 -3.32 -8.19 15.35
CA MET A 21 -3.80 -8.09 13.99
C MET A 21 -4.30 -9.42 13.48
N GLN A 22 -3.55 -10.51 13.75
CA GLN A 22 -3.95 -11.85 13.31
C GLN A 22 -5.17 -12.34 14.08
N ASN A 23 -5.04 -12.43 15.41
CA ASN A 23 -6.02 -13.15 16.22
C ASN A 23 -7.31 -12.37 16.47
N VAL A 24 -7.28 -11.04 16.37
CA VAL A 24 -8.45 -10.21 16.61
C VAL A 24 -8.96 -9.59 15.31
N VAL A 25 -8.10 -8.86 14.59
CA VAL A 25 -8.59 -8.09 13.45
C VAL A 25 -8.93 -9.03 12.28
N VAL A 26 -7.95 -9.77 11.78
CA VAL A 26 -8.22 -10.65 10.63
C VAL A 26 -9.26 -11.70 10.99
N LYS A 27 -9.09 -12.35 12.16
CA LYS A 27 -10.01 -13.41 12.52
C LYS A 27 -11.44 -12.91 12.67
N THR A 28 -11.62 -11.70 13.21
CA THR A 28 -12.97 -11.16 13.32
C THR A 28 -13.56 -10.90 11.95
N LEU A 29 -12.78 -10.28 11.05
CA LEU A 29 -13.29 -10.01 9.72
C LEU A 29 -13.56 -11.30 8.96
N TRP A 30 -12.77 -12.35 9.19
CA TRP A 30 -12.93 -13.60 8.45
C TRP A 30 -14.28 -14.25 8.72
N LYS A 31 -14.76 -14.15 9.96
CA LYS A 31 -16.01 -14.80 10.36
CA LYS A 31 -16.00 -14.78 10.39
C LYS A 31 -17.21 -13.90 10.15
N HIS A 32 -17.20 -13.14 9.06
CA HIS A 32 -18.25 -12.19 8.72
C HIS A 32 -18.92 -12.65 7.44
N GLN A 33 -20.25 -12.52 7.37
CA GLN A 33 -20.96 -13.02 6.19
C GLN A 33 -20.57 -12.28 4.91
N PHE A 34 -19.96 -11.09 5.01
CA PHE A 34 -19.58 -10.30 3.83
C PHE A 34 -18.10 -10.46 3.47
N ALA A 35 -17.37 -11.32 4.17
CA ALA A 35 -15.94 -11.43 3.93
C ALA A 35 -15.58 -12.24 2.70
N TRP A 36 -16.47 -13.09 2.22
CA TRP A 36 -16.08 -14.09 1.24
C TRP A 36 -15.51 -13.52 -0.06
N PRO A 37 -15.91 -12.34 -0.56
CA PRO A 37 -15.26 -11.81 -1.76
C PRO A 37 -13.81 -11.45 -1.55
N PHE A 38 -13.33 -11.43 -0.30
CA PHE A 38 -11.99 -10.96 0.03
C PHE A 38 -11.08 -12.05 0.57
N TYR A 39 -11.52 -13.31 0.59
CA TYR A 39 -10.69 -14.37 1.12
C TYR A 39 -9.50 -14.69 0.23
N GLN A 40 -9.64 -14.42 -1.07
CA GLN A 40 -8.63 -14.77 -2.06
C GLN A 40 -8.49 -13.57 -2.98
N PRO A 41 -7.42 -13.53 -3.78
CA PRO A 41 -7.32 -12.45 -4.77
C PRO A 41 -8.55 -12.38 -5.66
N VAL A 42 -8.90 -11.15 -6.05
CA VAL A 42 -9.99 -10.95 -7.01
C VAL A 42 -9.75 -11.80 -8.24
N ASP A 43 -10.78 -12.51 -8.66
CA ASP A 43 -10.71 -13.51 -9.74
C ASP A 43 -11.35 -12.89 -10.96
N ALA A 44 -10.53 -12.29 -11.82
CA ALA A 44 -11.04 -11.63 -13.00
C ALA A 44 -11.60 -12.61 -14.03
N ILE A 45 -11.23 -13.89 -13.94
CA ILE A 45 -11.83 -14.87 -14.84
C ILE A 45 -13.25 -15.20 -14.41
N LYS A 46 -13.42 -15.58 -13.15
CA LYS A 46 -14.75 -15.95 -12.69
C LYS A 46 -15.73 -14.77 -12.78
N LEU A 47 -15.25 -13.56 -12.49
CA LEU A 47 -16.09 -12.37 -12.55
C LEU A 47 -16.13 -11.72 -13.93
N ASN A 48 -15.35 -12.24 -14.90
CA ASN A 48 -15.26 -11.70 -16.26
C ASN A 48 -14.96 -10.19 -16.26
N LEU A 49 -13.75 -9.86 -15.79
CA LEU A 49 -13.29 -8.47 -15.67
C LEU A 49 -12.03 -8.29 -16.51
N PRO A 50 -12.15 -8.02 -17.81
CA PRO A 50 -10.94 -7.89 -18.63
C PRO A 50 -9.99 -6.77 -18.19
N ASP A 51 -10.53 -5.72 -17.56
CA ASP A 51 -9.76 -4.54 -17.18
C ASP A 51 -9.30 -4.50 -15.74
N TYR A 52 -9.70 -5.49 -14.91
CA TYR A 52 -9.41 -5.38 -13.49
C TYR A 52 -7.91 -5.20 -13.25
N HIS A 53 -7.08 -6.04 -13.86
CA HIS A 53 -5.64 -6.06 -13.64
C HIS A 53 -4.92 -5.00 -14.47
N LYS A 54 -5.65 -4.28 -15.32
CA LYS A 54 -5.11 -3.08 -15.96
C LYS A 54 -5.24 -1.87 -15.03
N ILE A 55 -6.37 -1.77 -14.35
CA ILE A 55 -6.66 -0.65 -13.46
C ILE A 55 -6.01 -0.84 -12.10
N ILE A 56 -6.18 -2.02 -11.52
CA ILE A 56 -5.68 -2.31 -10.18
C ILE A 56 -4.31 -2.95 -10.34
N LYS A 57 -3.28 -2.20 -10.02
CA LYS A 57 -1.90 -2.64 -10.21
C LYS A 57 -1.24 -3.15 -8.94
N ASN A 58 -1.81 -2.83 -7.76
CA ASN A 58 -1.33 -3.32 -6.46
C ASN A 58 -2.45 -4.12 -5.80
N PRO A 59 -2.74 -5.32 -6.30
CA PRO A 59 -3.83 -6.12 -5.70
C PRO A 59 -3.52 -6.54 -4.27
N MET A 60 -4.60 -6.68 -3.49
CA MET A 60 -4.48 -7.20 -2.13
C MET A 60 -5.79 -7.85 -1.73
N ASP A 61 -5.71 -8.85 -0.83
CA ASP A 61 -6.85 -9.60 -0.34
C ASP A 61 -6.50 -10.11 1.07
N MET A 62 -7.54 -10.55 1.81
CA MET A 62 -7.30 -10.99 3.19
C MET A 62 -6.53 -12.31 3.26
N GLY A 63 -6.64 -13.16 2.24
CA GLY A 63 -5.85 -14.39 2.25
C GLY A 63 -4.36 -14.10 2.19
N THR A 64 -3.96 -13.12 1.36
CA THR A 64 -2.55 -12.70 1.33
C THR A 64 -2.11 -12.14 2.67
N ILE A 65 -2.94 -11.30 3.29
CA ILE A 65 -2.62 -10.77 4.62
C ILE A 65 -2.46 -11.92 5.62
N LYS A 66 -3.38 -12.89 5.62
CA LYS A 66 -3.24 -14.03 6.53
C LYS A 66 -1.90 -14.77 6.31
N LYS A 67 -1.51 -15.00 5.05
CA LYS A 67 -0.26 -15.69 4.80
CA LYS A 67 -0.26 -15.69 4.80
C LYS A 67 0.93 -14.86 5.28
N ARG A 68 0.89 -13.55 5.08
CA ARG A 68 1.96 -12.68 5.58
C ARG A 68 2.09 -12.81 7.09
N LEU A 69 0.97 -12.79 7.80
CA LEU A 69 1.01 -12.98 9.25
C LEU A 69 1.54 -14.37 9.62
N GLU A 70 1.09 -15.41 8.91
CA GLU A 70 1.55 -16.77 9.19
C GLU A 70 3.04 -16.95 8.92
N ASN A 71 3.61 -16.18 7.99
CA ASN A 71 5.02 -16.28 7.65
C ASN A 71 5.90 -15.35 8.46
N ASN A 72 5.35 -14.57 9.38
CA ASN A 72 6.11 -13.53 10.09
C ASN A 72 6.80 -12.63 9.07
N TYR A 73 6.05 -12.27 8.01
CA TYR A 73 6.58 -11.43 6.95
C TYR A 73 6.69 -9.98 7.38
N TYR A 74 5.78 -9.53 8.21
CA TYR A 74 5.77 -8.13 8.59
C TYR A 74 6.76 -7.89 9.74
N TRP A 75 7.23 -6.65 9.83
CA TRP A 75 7.95 -6.15 11.02
C TRP A 75 7.07 -5.33 11.94
N SER A 76 6.06 -4.65 11.40
CA SER A 76 5.22 -3.72 12.13
C SER A 76 3.74 -3.95 11.78
N ALA A 77 2.87 -3.79 12.79
CA ALA A 77 1.43 -3.84 12.53
C ALA A 77 1.00 -2.76 11.53
N SER A 78 1.77 -1.67 11.39
CA SER A 78 1.41 -0.64 10.41
C SER A 78 1.41 -1.20 8.98
N GLU A 79 2.26 -2.19 8.71
CA GLU A 79 2.27 -2.81 7.39
C GLU A 79 1.00 -3.61 7.13
N CYS A 80 0.51 -4.32 8.14
CA CYS A 80 -0.75 -5.03 8.01
C CYS A 80 -1.90 -4.06 7.76
N MET A 81 -1.93 -2.95 8.51
CA MET A 81 -2.92 -1.91 8.25
C MET A 81 -2.83 -1.42 6.82
N GLN A 82 -1.61 -1.21 6.31
CA GLN A 82 -1.40 -0.78 4.93
C GLN A 82 -2.10 -1.73 3.96
N ASP A 83 -1.89 -3.02 4.16
CA ASP A 83 -2.48 -4.01 3.26
C ASP A 83 -4.01 -3.96 3.29
N PHE A 84 -4.60 -3.85 4.48
CA PHE A 84 -6.06 -3.70 4.54
C PHE A 84 -6.49 -2.44 3.80
N ASN A 85 -5.78 -1.33 3.99
CA ASN A 85 -6.08 -0.07 3.30
CA ASN A 85 -6.21 -0.12 3.29
C ASN A 85 -6.05 -0.27 1.77
N THR A 86 -5.04 -0.98 1.30
CA THR A 86 -4.93 -1.23 -0.13
C THR A 86 -6.11 -2.04 -0.63
N MET A 87 -6.45 -3.11 0.09
CA MET A 87 -7.61 -3.90 -0.25
C MET A 87 -8.88 -3.06 -0.38
N PHE A 88 -9.19 -2.24 0.61
CA PHE A 88 -10.40 -1.43 0.56
C PHE A 88 -10.31 -0.37 -0.53
N THR A 89 -9.17 0.33 -0.63
CA THR A 89 -9.02 1.38 -1.63
C THR A 89 -9.21 0.82 -3.03
N ASN A 90 -8.64 -0.35 -3.32
CA ASN A 90 -8.79 -0.95 -4.64
C ASN A 90 -10.25 -1.19 -4.95
N CYS A 91 -11.00 -1.71 -3.98
CA CYS A 91 -12.41 -1.99 -4.19
C CYS A 91 -13.16 -0.70 -4.51
N TYR A 92 -12.88 0.37 -3.77
CA TYR A 92 -13.58 1.63 -3.99
C TYR A 92 -13.16 2.28 -5.32
N ILE A 93 -11.91 2.07 -5.75
CA ILE A 93 -11.48 2.57 -7.07
C ILE A 93 -12.23 1.86 -8.18
N TYR A 94 -12.28 0.53 -8.13
CA TYR A 94 -12.72 -0.25 -9.29
C TYR A 94 -14.24 -0.26 -9.43
N ASN A 95 -14.96 -0.28 -8.31
CA ASN A 95 -16.41 -0.46 -8.33
C ASN A 95 -17.14 0.86 -8.08
N LYS A 96 -18.40 0.88 -8.48
CA LYS A 96 -19.18 2.09 -8.30
C LYS A 96 -19.74 2.15 -6.88
N PRO A 97 -19.93 3.36 -6.35
CA PRO A 97 -20.22 3.49 -4.92
C PRO A 97 -21.50 2.79 -4.47
N THR A 98 -22.43 2.48 -5.39
CA THR A 98 -23.68 1.81 -5.05
C THR A 98 -23.60 0.29 -5.15
N ASP A 99 -22.52 -0.26 -5.67
CA ASP A 99 -22.45 -1.70 -5.91
C ASP A 99 -22.43 -2.47 -4.60
N ASP A 100 -22.97 -3.70 -4.66
CA ASP A 100 -23.02 -4.56 -3.48
C ASP A 100 -21.64 -4.74 -2.88
N ILE A 101 -20.61 -4.95 -3.71
CA ILE A 101 -19.26 -5.20 -3.19
C ILE A 101 -18.75 -4.03 -2.37
N VAL A 102 -19.10 -2.79 -2.74
CA VAL A 102 -18.64 -1.63 -1.99
C VAL A 102 -19.32 -1.56 -0.63
N LEU A 103 -20.64 -1.81 -0.59
CA LEU A 103 -21.34 -1.83 0.69
C LEU A 103 -20.75 -2.89 1.60
N MET A 104 -20.39 -4.05 1.04
CA MET A 104 -19.77 -5.08 1.86
C MET A 104 -18.40 -4.65 2.36
N ALA A 105 -17.59 -4.06 1.49
CA ALA A 105 -16.29 -3.54 1.92
C ALA A 105 -16.45 -2.48 3.02
N GLN A 106 -17.44 -1.61 2.90
CA GLN A 106 -17.60 -0.55 3.89
C GLN A 106 -17.96 -1.13 5.26
N ALA A 107 -18.76 -2.19 5.29
CA ALA A 107 -19.10 -2.83 6.56
C ALA A 107 -17.87 -3.48 7.19
N LEU A 108 -17.03 -4.12 6.39
CA LEU A 108 -15.81 -4.71 6.92
C LEU A 108 -14.84 -3.63 7.38
N GLU A 109 -14.74 -2.54 6.60
CA GLU A 109 -13.82 -1.47 6.96
C GLU A 109 -14.20 -0.83 8.29
N LYS A 110 -15.50 -0.68 8.56
CA LYS A 110 -15.98 -0.16 9.84
C LYS A 110 -15.51 -1.02 11.00
N ILE A 111 -15.60 -2.34 10.86
CA ILE A 111 -15.12 -3.25 11.90
C ILE A 111 -13.60 -3.21 12.00
N PHE A 112 -12.91 -3.21 10.86
CA PHE A 112 -11.45 -3.06 10.85
C PHE A 112 -11.03 -1.85 11.67
N LEU A 113 -11.67 -0.70 11.43
CA LEU A 113 -11.25 0.51 12.11
C LEU A 113 -11.54 0.44 13.61
N GLN A 114 -12.68 -0.15 13.99
CA GLN A 114 -12.99 -0.29 15.41
C GLN A 114 -11.97 -1.16 16.12
N LYS A 115 -11.58 -2.27 15.50
CA LYS A 115 -10.63 -3.17 16.15
C LYS A 115 -9.24 -2.56 16.19
N VAL A 116 -8.83 -1.84 15.14
CA VAL A 116 -7.52 -1.20 15.18
C VAL A 116 -7.47 -0.13 16.27
N ALA A 117 -8.59 0.59 16.47
CA ALA A 117 -8.60 1.62 17.49
C ALA A 117 -8.38 1.04 18.89
N GLN A 118 -8.74 -0.22 19.10
CA GLN A 118 -8.54 -0.86 20.39
CA GLN A 118 -8.58 -0.92 20.36
C GLN A 118 -7.26 -1.70 20.47
N MET A 119 -6.42 -1.64 19.44
CA MET A 119 -5.11 -2.28 19.51
C MET A 119 -4.30 -1.76 20.69
N PRO A 120 -3.65 -2.64 21.47
CA PRO A 120 -2.81 -2.15 22.55
C PRO A 120 -1.51 -1.55 22.04
N GLN A 121 -0.93 -0.68 22.86
CA GLN A 121 0.41 -0.17 22.65
C GLN A 121 1.43 -1.29 22.58
N GLU A 122 2.52 -1.04 21.86
CA GLU A 122 3.58 -2.03 21.71
C GLU A 122 4.24 -2.32 23.05
N PRO B 11 14.28 11.00 -28.79
CA PRO B 11 14.84 12.30 -28.36
C PRO B 11 15.10 12.39 -26.86
N GLY B 12 15.10 11.25 -26.16
CA GLY B 12 15.16 11.23 -24.72
C GLY B 12 13.81 11.29 -24.03
N ARG B 13 12.74 11.55 -24.78
CA ARG B 13 11.38 11.55 -24.25
C ARG B 13 11.11 10.33 -23.39
N LYS B 14 10.56 10.57 -22.21
CA LYS B 14 10.18 9.50 -21.30
C LYS B 14 8.88 8.86 -21.79
N THR B 15 8.59 7.66 -21.28
CA THR B 15 7.34 7.03 -21.67
C THR B 15 6.17 7.91 -21.21
N ASN B 16 5.01 7.70 -21.86
CA ASN B 16 3.78 8.39 -21.44
C ASN B 16 3.52 8.18 -19.96
N GLN B 17 3.70 6.95 -19.50
CA GLN B 17 3.40 6.64 -18.11
C GLN B 17 4.38 7.31 -17.18
N LEU B 18 5.65 7.37 -17.54
CA LEU B 18 6.62 8.04 -16.68
C LEU B 18 6.38 9.55 -16.65
N GLN B 19 5.99 10.14 -17.79
CA GLN B 19 5.58 11.55 -17.81
C GLN B 19 4.43 11.79 -16.86
N TYR B 20 3.50 10.83 -16.80
CA TYR B 20 2.37 10.92 -15.89
C TYR B 20 2.83 10.82 -14.45
N MET B 21 3.75 9.90 -14.17
CA MET B 21 4.27 9.82 -12.79
C MET B 21 4.85 11.15 -12.37
N GLN B 22 5.55 11.85 -13.28
CA GLN B 22 6.19 13.11 -12.93
C GLN B 22 5.19 14.24 -12.83
N ASN B 23 4.33 14.38 -13.85
CA ASN B 23 3.54 15.58 -14.00
C ASN B 23 2.18 15.50 -13.34
N VAL B 24 1.76 14.32 -12.97
CA VAL B 24 0.48 14.13 -12.27
C VAL B 24 0.69 13.55 -10.87
N VAL B 25 1.40 12.42 -10.75
CA VAL B 25 1.49 11.75 -9.46
C VAL B 25 2.39 12.53 -8.51
N VAL B 26 3.66 12.75 -8.89
CA VAL B 26 4.55 13.53 -8.01
C VAL B 26 3.99 14.94 -7.81
N LYS B 27 3.55 15.59 -8.88
CA LYS B 27 3.10 16.98 -8.76
C LYS B 27 1.91 17.09 -7.79
N THR B 28 0.99 16.14 -7.84
CA THR B 28 -0.15 16.18 -6.94
C THR B 28 0.24 15.86 -5.51
N LEU B 29 1.02 14.78 -5.33
CA LEU B 29 1.42 14.41 -3.98
C LEU B 29 2.27 15.49 -3.32
N TRP B 30 3.12 16.16 -4.09
CA TRP B 30 3.97 17.21 -3.51
C TRP B 30 3.13 18.32 -2.86
N LYS B 31 1.95 18.60 -3.40
CA LYS B 31 1.12 19.67 -2.92
C LYS B 31 0.30 19.29 -1.68
N HIS B 32 0.19 17.99 -1.38
CA HIS B 32 -0.55 17.56 -0.22
C HIS B 32 0.07 18.09 1.07
N GLN B 33 -0.77 18.54 2.03
CA GLN B 33 -0.24 19.15 3.25
C GLN B 33 0.66 18.21 4.05
N PHE B 34 0.51 16.90 3.88
CA PHE B 34 1.26 15.92 4.66
C PHE B 34 2.51 15.40 3.93
N ALA B 35 2.85 15.94 2.77
CA ALA B 35 3.92 15.36 1.96
C ALA B 35 5.33 15.76 2.41
N TRP B 36 5.48 16.88 3.11
CA TRP B 36 6.81 17.44 3.31
C TRP B 36 7.80 16.53 4.04
N PRO B 37 7.42 15.62 4.96
CA PRO B 37 8.42 14.70 5.52
C PRO B 37 9.04 13.77 4.48
N PHE B 38 8.44 13.65 3.31
CA PHE B 38 8.85 12.73 2.25
C PHE B 38 9.60 13.45 1.13
N TYR B 39 9.90 14.73 1.30
CA TYR B 39 10.59 15.48 0.25
C TYR B 39 12.08 15.16 0.15
N GLN B 40 12.67 14.52 1.16
CA GLN B 40 14.09 14.27 1.19
C GLN B 40 14.32 12.97 1.93
N PRO B 41 15.47 12.33 1.73
CA PRO B 41 15.75 11.10 2.49
C PRO B 41 15.62 11.32 4.00
N VAL B 42 15.13 10.29 4.71
CA VAL B 42 15.17 10.32 6.17
C VAL B 42 16.62 10.52 6.60
N ASP B 43 16.86 11.54 7.43
CA ASP B 43 18.20 11.85 7.92
C ASP B 43 18.30 11.32 9.35
N ALA B 44 18.84 10.11 9.48
CA ALA B 44 18.84 9.43 10.77
C ALA B 44 19.71 10.13 11.79
N ILE B 45 20.73 10.87 11.35
CA ILE B 45 21.56 11.57 12.31
C ILE B 45 20.88 12.83 12.83
N LYS B 46 20.30 13.62 11.92
CA LYS B 46 19.65 14.86 12.34
C LYS B 46 18.35 14.59 13.10
N LEU B 47 17.65 13.50 12.78
CA LEU B 47 16.41 13.14 13.46
C LEU B 47 16.65 12.22 14.65
N ASN B 48 17.90 11.82 14.89
CA ASN B 48 18.28 10.96 16.00
C ASN B 48 17.52 9.63 15.95
N LEU B 49 17.77 8.88 14.89
CA LEU B 49 17.17 7.56 14.65
C LEU B 49 18.30 6.57 14.45
N PRO B 50 19.02 6.20 15.52
CA PRO B 50 20.24 5.39 15.33
C PRO B 50 20.02 4.00 14.78
N ASP B 51 18.81 3.44 14.85
CA ASP B 51 18.57 2.11 14.30
C ASP B 51 17.89 2.14 12.94
N TYR B 52 17.66 3.32 12.37
CA TYR B 52 16.89 3.38 11.13
C TYR B 52 17.52 2.54 10.02
N HIS B 53 18.83 2.67 9.77
CA HIS B 53 19.44 1.96 8.66
C HIS B 53 19.77 0.52 8.98
N LYS B 54 19.56 0.08 10.24
CA LYS B 54 19.63 -1.33 10.55
C LYS B 54 18.32 -2.05 10.20
N ILE B 55 17.21 -1.33 10.30
CA ILE B 55 15.86 -1.88 10.05
C ILE B 55 15.47 -1.74 8.58
N ILE B 56 15.71 -0.56 8.01
CA ILE B 56 15.31 -0.24 6.64
C ILE B 56 16.48 -0.54 5.69
N LYS B 57 16.31 -1.53 4.82
CA LYS B 57 17.40 -1.94 3.94
C LYS B 57 17.53 -1.05 2.71
N ASN B 58 16.43 -0.49 2.19
CA ASN B 58 16.42 0.27 0.93
C ASN B 58 15.66 1.58 1.12
N PRO B 59 16.31 2.60 1.66
CA PRO B 59 15.61 3.88 1.88
C PRO B 59 15.13 4.50 0.56
N MET B 60 13.98 5.21 0.62
CA MET B 60 13.49 5.91 -0.55
C MET B 60 12.61 7.08 -0.09
N ASP B 61 12.52 8.11 -0.92
CA ASP B 61 11.77 9.33 -0.61
C ASP B 61 11.32 9.94 -1.93
N MET B 62 10.37 10.88 -1.84
CA MET B 62 9.76 11.46 -3.04
CA MET B 62 9.77 11.45 -3.04
C MET B 62 10.70 12.44 -3.72
N GLY B 63 11.62 13.07 -2.99
CA GLY B 63 12.59 13.92 -3.66
C GLY B 63 13.52 13.12 -4.57
N THR B 64 13.95 11.95 -4.09
CA THR B 64 14.76 11.06 -4.93
C THR B 64 13.98 10.59 -6.14
N ILE B 65 12.69 10.23 -5.95
CA ILE B 65 11.87 9.80 -7.07
C ILE B 65 11.75 10.93 -8.10
N LYS B 66 11.51 12.16 -7.62
CA LYS B 66 11.35 13.30 -8.52
C LYS B 66 12.64 13.53 -9.32
N LYS B 67 13.80 13.44 -8.66
CA LYS B 67 15.06 13.60 -9.38
C LYS B 67 15.29 12.45 -10.37
N ARG B 68 14.88 11.24 -10.03
CA ARG B 68 15.02 10.13 -10.98
C ARG B 68 14.16 10.36 -12.21
N LEU B 69 12.95 10.89 -12.02
CA LEU B 69 12.11 11.22 -13.16
C LEU B 69 12.73 12.32 -14.01
N GLU B 70 13.15 13.43 -13.36
CA GLU B 70 13.72 14.55 -14.09
C GLU B 70 14.99 14.15 -14.83
N ASN B 71 15.77 13.24 -14.25
CA ASN B 71 17.04 12.79 -14.87
CA ASN B 71 17.05 12.75 -14.87
C ASN B 71 16.97 11.49 -15.82
N ASN B 72 15.71 11.10 -16.13
CA ASN B 72 15.51 10.03 -17.12
C ASN B 72 16.07 8.70 -16.61
N TYR B 73 16.03 8.46 -15.29
CA TYR B 73 16.63 7.27 -14.69
C TYR B 73 15.83 6.00 -14.95
N TYR B 74 14.50 6.10 -14.94
CA TYR B 74 13.66 4.89 -15.00
C TYR B 74 13.54 4.38 -16.43
N TRP B 75 13.58 3.05 -16.56
CA TRP B 75 13.31 2.42 -17.86
C TRP B 75 11.81 2.26 -18.12
N SER B 76 11.02 2.08 -17.06
CA SER B 76 9.58 1.91 -17.20
CA SER B 76 9.58 1.89 -17.20
C SER B 76 8.88 2.35 -15.93
N ALA B 77 7.60 2.67 -16.04
CA ALA B 77 6.86 3.23 -14.91
C ALA B 77 6.71 2.25 -13.74
N SER B 78 6.74 0.93 -13.97
CA SER B 78 6.63 0.01 -12.85
C SER B 78 7.78 0.19 -11.87
N GLU B 79 8.95 0.63 -12.34
CA GLU B 79 10.10 0.82 -11.45
C GLU B 79 9.87 2.02 -10.56
N CYS B 80 9.22 3.05 -11.09
CA CYS B 80 8.87 4.23 -10.30
C CYS B 80 7.81 3.90 -9.26
N MET B 81 6.78 3.15 -9.67
CA MET B 81 5.80 2.66 -8.72
C MET B 81 6.46 1.87 -7.60
N GLN B 82 7.45 1.04 -7.93
CA GLN B 82 8.13 0.28 -6.89
C GLN B 82 8.82 1.21 -5.90
N ASP B 83 9.46 2.26 -6.39
CA ASP B 83 10.09 3.20 -5.45
C ASP B 83 9.06 3.85 -4.54
N PHE B 84 7.88 4.21 -5.06
CA PHE B 84 6.83 4.74 -4.18
C PHE B 84 6.43 3.69 -3.15
N ASN B 85 6.20 2.44 -3.58
CA ASN B 85 5.81 1.39 -2.63
CA ASN B 85 5.80 1.43 -2.60
C ASN B 85 6.87 1.24 -1.53
N THR B 86 8.15 1.27 -1.92
CA THR B 86 9.21 1.18 -0.92
C THR B 86 9.17 2.34 0.07
N MET B 87 8.97 3.57 -0.42
CA MET B 87 8.90 4.74 0.46
C MET B 87 7.80 4.58 1.49
N PHE B 88 6.58 4.19 1.05
CA PHE B 88 5.47 4.03 1.99
C PHE B 88 5.72 2.87 2.96
N THR B 89 6.10 1.70 2.42
CA THR B 89 6.29 0.52 3.26
C THR B 89 7.41 0.72 4.29
N ASN B 90 8.49 1.41 3.91
CA ASN B 90 9.54 1.72 4.88
C ASN B 90 8.98 2.51 6.06
N CYS B 91 8.12 3.48 5.78
CA CYS B 91 7.53 4.30 6.84
C CYS B 91 6.73 3.42 7.79
N TYR B 92 5.96 2.48 7.26
CA TYR B 92 5.18 1.58 8.10
C TYR B 92 6.04 0.57 8.86
N ILE B 93 7.13 0.10 8.27
CA ILE B 93 8.04 -0.80 8.95
C ILE B 93 8.62 -0.14 10.19
N TYR B 94 9.09 1.11 10.03
CA TYR B 94 9.87 1.73 11.08
C TYR B 94 9.00 2.32 12.20
N ASN B 95 7.77 2.75 11.86
CA ASN B 95 6.97 3.56 12.76
C ASN B 95 5.73 2.81 13.26
N LYS B 96 5.23 3.23 14.42
CA LYS B 96 4.12 2.61 15.13
C LYS B 96 2.77 3.03 14.54
N PRO B 97 1.75 2.18 14.66
CA PRO B 97 0.44 2.51 14.08
C PRO B 97 -0.12 3.85 14.46
N THR B 98 0.10 4.32 15.69
CA THR B 98 -0.46 5.58 16.16
C THR B 98 0.43 6.80 15.89
N ASP B 99 1.61 6.62 15.28
CA ASP B 99 2.49 7.77 15.05
C ASP B 99 1.91 8.69 13.98
N ASP B 100 2.11 10.00 14.15
CA ASP B 100 1.60 10.97 13.18
C ASP B 100 2.11 10.69 11.78
N ILE B 101 3.38 10.32 11.65
CA ILE B 101 3.96 10.10 10.32
C ILE B 101 3.25 8.97 9.59
N VAL B 102 2.71 7.99 10.32
CA VAL B 102 2.00 6.88 9.67
C VAL B 102 0.67 7.38 9.10
N LEU B 103 -0.03 8.24 9.86
CA LEU B 103 -1.26 8.85 9.32
C LEU B 103 -0.97 9.68 8.06
N MET B 104 0.14 10.42 8.08
CA MET B 104 0.55 11.22 6.93
C MET B 104 0.83 10.35 5.72
N ALA B 105 1.59 9.28 5.92
CA ALA B 105 1.88 8.36 4.82
C ALA B 105 0.60 7.73 4.27
N GLN B 106 -0.33 7.36 5.14
CA GLN B 106 -1.56 6.70 4.68
C GLN B 106 -2.37 7.62 3.76
N ALA B 107 -2.42 8.91 4.09
CA ALA B 107 -3.16 9.86 3.25
C ALA B 107 -2.49 9.99 1.88
N LEU B 108 -1.16 10.09 1.85
CA LEU B 108 -0.47 10.16 0.58
C LEU B 108 -0.64 8.88 -0.22
N GLU B 109 -0.64 7.74 0.44
CA GLU B 109 -0.71 6.47 -0.28
C GLU B 109 -2.06 6.30 -0.94
N LYS B 110 -3.13 6.76 -0.29
CA LYS B 110 -4.44 6.64 -0.90
C LYS B 110 -4.51 7.42 -2.20
N ILE B 111 -3.98 8.65 -2.22
CA ILE B 111 -3.95 9.40 -3.47
C ILE B 111 -3.07 8.70 -4.51
N PHE B 112 -1.89 8.20 -4.09
CA PHE B 112 -1.02 7.47 -5.00
C PHE B 112 -1.79 6.37 -5.72
N LEU B 113 -2.55 5.56 -4.95
CA LEU B 113 -3.30 4.46 -5.55
C LEU B 113 -4.38 4.99 -6.49
N GLN B 114 -5.09 6.03 -6.07
CA GLN B 114 -6.13 6.59 -6.92
C GLN B 114 -5.54 7.08 -8.25
N LYS B 115 -4.37 7.71 -8.19
CA LYS B 115 -3.78 8.27 -9.41
C LYS B 115 -3.19 7.19 -10.30
N VAL B 116 -2.55 6.16 -9.73
CA VAL B 116 -1.98 5.15 -10.62
C VAL B 116 -3.07 4.29 -11.26
N ALA B 117 -4.25 4.20 -10.65
CA ALA B 117 -5.37 3.52 -11.28
C ALA B 117 -5.77 4.23 -12.56
N GLN B 118 -5.40 5.50 -12.71
CA GLN B 118 -5.76 6.28 -13.89
C GLN B 118 -4.57 6.49 -14.83
N MET B 119 -3.51 5.72 -14.64
CA MET B 119 -2.35 5.83 -15.49
CA MET B 119 -2.34 5.80 -15.49
C MET B 119 -2.74 5.63 -16.95
N PRO B 120 -2.21 6.45 -17.87
CA PRO B 120 -2.51 6.26 -19.29
C PRO B 120 -1.84 5.04 -19.88
N GLN B 121 -2.35 4.67 -21.04
CA GLN B 121 -1.70 3.66 -21.84
CA GLN B 121 -1.72 3.67 -21.87
C GLN B 121 -0.56 4.25 -22.64
N GLU B 122 0.47 3.43 -22.89
CA GLU B 122 1.43 3.77 -23.93
C GLU B 122 0.77 3.58 -25.29
N GLU B 123 1.19 4.38 -26.25
CA GLU B 123 0.57 4.35 -27.56
C GLU B 123 1.55 4.02 -28.65
N ARG C 1 -18.22 -3.55 -11.66
CA ARG C 1 -19.01 -4.42 -12.57
C ARG C 1 -18.98 -5.87 -12.06
N GLY C 3 -21.35 -7.20 -10.07
CA GLY C 3 -22.72 -7.67 -10.01
C GLY C 3 -23.29 -7.86 -8.62
N VAL C 4 -24.42 -8.56 -8.54
CA VAL C 4 -25.15 -8.70 -7.29
C VAL C 4 -24.48 -9.72 -6.37
N SER C 6 -24.44 -11.30 -2.04
CA SER C 6 -24.99 -11.43 -0.70
C SER C 6 -23.88 -11.79 0.29
#